data_8HYO
#
_entry.id   8HYO
#
_cell.length_a   77.483
_cell.length_b   84.013
_cell.length_c   66.070
_cell.angle_alpha   90.00
_cell.angle_beta   100.64
_cell.angle_gamma   90.00
#
_symmetry.space_group_name_H-M   'C 1 2 1'
#
loop_
_entity.id
_entity.type
_entity.pdbx_description
1 polymer '4-hydroxyphenylpyruvate dioxygenase'
2 non-polymer 'COBALT (II) ION'
3 non-polymer 6-[(R)-[(2R,6R)-2,6-bis(oxidanyl)cyclohexyl]-oxidanyl-methyl]-3-(furan-2-ylmethyl)-1,5-dimethyl-quinazoline-2,4-dione
4 water water
#
_entity_poly.entity_id   1
_entity_poly.type   'polypeptide(L)'
_entity_poly.pdbx_seq_one_letter_code
;GSHMVRKNPKSDKFKVKRFHHIEFWCGDATNVARRFSWGLGMRFSAKSDLSTGNMVHASYLLTSGDLRFLFTAPYSPSLS
AGEIKPTTTASIPSFDHGSCRSFFSSHGLGVRAVAIEVEDAESAFSISVANGAIPSSPPIVLNEAVTIAEVKLYGDVVLR
YVSYKAEDTEKSEFLPGFERVEDASSFPLDYGIRRLDHAVGNVPELGPALTYVAGFTGFHQFAEFTADDVGTAESGLNSA
VLASNDEMVLLPINEPVHGTKRKSQIQTYLEHNEGAGLQHLALMSEDIFRTLREMRKRSSIGGFDFMPSPPPTYYQNLKK
RVGDVLSDDQIKECEELGILVDRDDQGTLLQIFTKPLGDRPTIFIEIIQRVGCMMKDEEGKAYQSGGCGGFGKGNFSELF
ISIEEYEKTLEAKQLVG
;
_entity_poly.pdbx_strand_id   A
#
loop_
_chem_comp.id
_chem_comp.type
_chem_comp.name
_chem_comp.formula
CO non-polymer 'COBALT (II) ION' 'Co 2'
NW9 non-polymer 6-[(R)-[(2R,6R)-2,6-bis(oxidanyl)cyclohexyl]-oxidanyl-methyl]-3-(furan-2-ylmethyl)-1,5-dimethyl-quinazoline-2,4-dione 'C22 H26 N2 O6'
#
# COMPACT_ATOMS: atom_id res chain seq x y z
N LYS A 7 21.49 12.07 -1.92
CA LYS A 7 21.31 13.09 -2.95
C LYS A 7 19.86 13.14 -3.43
N ASN A 8 19.21 14.29 -3.29
CA ASN A 8 17.83 14.47 -3.69
C ASN A 8 17.73 15.59 -4.72
N PRO A 9 17.77 15.26 -6.01
CA PRO A 9 17.67 16.30 -7.06
C PRO A 9 16.31 16.95 -7.18
N LYS A 10 15.35 16.58 -6.32
CA LYS A 10 13.99 17.13 -6.31
C LYS A 10 13.47 17.42 -7.72
N SER A 11 13.27 16.38 -8.53
CA SER A 11 12.96 16.56 -9.94
C SER A 11 11.52 16.24 -10.29
N ASP A 12 10.60 16.30 -9.30
CA ASP A 12 9.18 16.06 -9.58
C ASP A 12 8.71 16.98 -10.69
N LYS A 13 8.02 16.42 -11.69
CA LYS A 13 7.53 17.19 -12.82
C LYS A 13 6.25 17.94 -12.51
N PHE A 14 5.59 17.62 -11.39
CA PHE A 14 4.42 18.34 -10.92
C PHE A 14 4.46 18.27 -9.41
N LYS A 15 3.61 19.08 -8.76
CA LYS A 15 3.64 19.19 -7.31
C LYS A 15 2.82 18.06 -6.69
N VAL A 16 3.48 17.20 -5.92
CA VAL A 16 2.82 16.07 -5.26
C VAL A 16 2.77 16.36 -3.78
N LYS A 17 1.73 15.84 -3.11
CA LYS A 17 1.59 16.05 -1.68
C LYS A 17 1.82 14.71 -1.00
N ARG A 18 0.79 13.96 -0.67
CA ARG A 18 1.03 12.70 0.03
C ARG A 18 0.12 11.62 -0.53
N PHE A 19 0.30 10.41 -0.03
CA PHE A 19 -0.60 9.32 -0.39
C PHE A 19 -2.02 9.73 0.00
N HIS A 20 -2.98 9.50 -0.88
CA HIS A 20 -4.36 9.87 -0.54
C HIS A 20 -5.22 8.66 -0.17
N HIS A 21 -5.25 7.63 -1.01
CA HIS A 21 -5.94 6.41 -0.62
C HIS A 21 -5.43 5.26 -1.48
N ILE A 22 -5.78 4.05 -1.05
CA ILE A 22 -5.50 2.81 -1.75
C ILE A 22 -6.85 2.20 -2.08
N GLU A 23 -7.07 1.82 -3.35
CA GLU A 23 -8.36 1.24 -3.74
C GLU A 23 -8.20 -0.21 -4.14
N PHE A 24 -8.95 -1.08 -3.44
CA PHE A 24 -9.01 -2.50 -3.71
C PHE A 24 -10.19 -2.79 -4.63
N TRP A 25 -9.95 -3.60 -5.66
CA TRP A 25 -11.03 -4.11 -6.49
C TRP A 25 -11.31 -5.55 -6.07
N CYS A 26 -12.59 -5.86 -5.84
CA CYS A 26 -12.99 -7.16 -5.32
C CYS A 26 -14.35 -7.54 -5.88
N GLY A 27 -14.86 -8.68 -5.43
CA GLY A 27 -16.11 -9.21 -5.99
C GLY A 27 -17.25 -8.86 -5.08
N ASP A 28 -16.94 -8.82 -3.78
CA ASP A 28 -17.87 -8.32 -2.77
C ASP A 28 -17.11 -7.32 -1.91
N ALA A 29 -17.48 -6.04 -2.01
CA ALA A 29 -16.78 -5.04 -1.19
C ALA A 29 -17.12 -5.20 0.28
N THR A 30 -18.38 -5.50 0.59
CA THR A 30 -18.84 -5.61 1.97
C THR A 30 -17.95 -6.53 2.80
N ASN A 31 -17.73 -7.76 2.32
CA ASN A 31 -17.08 -8.76 3.14
C ASN A 31 -15.59 -8.47 3.31
N VAL A 32 -14.94 -7.98 2.26
CA VAL A 32 -13.54 -7.59 2.40
C VAL A 32 -13.41 -6.41 3.36
N ALA A 33 -14.30 -5.42 3.24
CA ALA A 33 -14.18 -4.23 4.07
C ALA A 33 -14.36 -4.56 5.55
N ARG A 34 -15.29 -5.47 5.86
CA ARG A 34 -15.53 -5.79 7.26
C ARG A 34 -14.41 -6.64 7.83
N ARG A 35 -13.83 -7.55 7.02
CA ARG A 35 -12.67 -8.31 7.48
C ARG A 35 -11.47 -7.38 7.73
N PHE A 36 -11.22 -6.44 6.81
CA PHE A 36 -10.09 -5.52 7.00
C PHE A 36 -10.34 -4.60 8.19
N SER A 37 -11.58 -4.14 8.35
CA SER A 37 -11.90 -3.19 9.41
C SER A 37 -11.61 -3.76 10.79
N TRP A 38 -12.17 -4.93 11.07
CA TRP A 38 -11.87 -5.67 12.30
C TRP A 38 -10.40 -6.03 12.38
N GLY A 39 -9.82 -6.49 11.27
CA GLY A 39 -8.45 -7.01 11.33
C GLY A 39 -7.41 -5.95 11.59
N LEU A 40 -7.56 -4.78 10.98
CA LEU A 40 -6.56 -3.72 11.08
C LEU A 40 -7.00 -2.58 12.01
N GLY A 41 -8.25 -2.56 12.46
CA GLY A 41 -8.69 -1.53 13.37
C GLY A 41 -8.92 -0.22 12.65
N MET A 42 -9.62 -0.30 11.53
CA MET A 42 -9.96 0.85 10.71
C MET A 42 -11.45 1.11 10.80
N ARG A 43 -11.82 2.38 10.87
CA ARG A 43 -13.20 2.81 11.00
C ARG A 43 -13.89 2.85 9.64
N PHE A 44 -15.18 2.53 9.61
CA PHE A 44 -16.03 2.68 8.43
C PHE A 44 -16.45 4.15 8.34
N SER A 45 -15.96 4.90 7.36
CA SER A 45 -16.22 6.34 7.41
C SER A 45 -17.02 6.89 6.23
N ALA A 46 -17.01 6.27 5.04
CA ALA A 46 -17.78 6.78 3.94
C ALA A 46 -18.23 5.64 3.04
N LYS A 47 -19.34 5.87 2.32
CA LYS A 47 -19.88 4.86 1.40
C LYS A 47 -20.43 5.52 0.14
N SER A 48 -20.34 4.77 -0.97
CA SER A 48 -21.06 5.06 -2.19
C SER A 48 -21.60 3.74 -2.73
N ASP A 49 -22.92 3.61 -2.78
CA ASP A 49 -23.54 2.33 -3.14
C ASP A 49 -25.02 2.61 -3.45
N LEU A 50 -25.81 1.54 -3.57
CA LEU A 50 -27.23 1.68 -3.86
C LEU A 50 -27.90 2.66 -2.91
N SER A 51 -27.61 2.57 -1.61
CA SER A 51 -28.21 3.49 -0.66
C SER A 51 -27.90 4.95 -0.98
N THR A 52 -26.82 5.23 -1.69
CA THR A 52 -26.50 6.60 -2.07
C THR A 52 -26.80 6.89 -3.54
N GLY A 53 -27.53 6.01 -4.21
CA GLY A 53 -27.92 6.24 -5.58
C GLY A 53 -26.93 5.77 -6.63
N ASN A 54 -25.83 5.12 -6.22
CA ASN A 54 -24.87 4.58 -7.17
C ASN A 54 -25.36 3.19 -7.58
N MET A 55 -25.74 3.05 -8.85
CA MET A 55 -26.21 1.81 -9.44
C MET A 55 -25.10 1.05 -10.15
N VAL A 56 -23.88 1.55 -10.10
CA VAL A 56 -22.78 1.02 -10.87
C VAL A 56 -21.85 0.18 -9.99
N HIS A 57 -21.38 0.75 -8.90
CA HIS A 57 -20.41 0.08 -8.07
C HIS A 57 -20.70 0.35 -6.60
N ALA A 58 -20.34 -0.61 -5.77
CA ALA A 58 -20.39 -0.46 -4.32
C ALA A 58 -18.99 -0.14 -3.83
N SER A 59 -18.86 0.96 -3.07
CA SER A 59 -17.58 1.44 -2.58
C SER A 59 -17.69 1.83 -1.11
N TYR A 60 -16.79 1.30 -0.29
CA TYR A 60 -16.79 1.54 1.15
C TYR A 60 -15.38 1.96 1.55
N LEU A 61 -15.28 3.03 2.32
CA LEU A 61 -14.01 3.58 2.73
C LEU A 61 -13.78 3.31 4.20
N LEU A 62 -12.61 2.76 4.53
CA LEU A 62 -12.15 2.59 5.89
C LEU A 62 -11.02 3.59 6.12
N THR A 63 -10.91 4.07 7.36
CA THR A 63 -9.91 5.09 7.70
C THR A 63 -9.26 4.76 9.02
N SER A 64 -7.96 5.04 9.12
CA SER A 64 -7.25 4.96 10.40
C SER A 64 -6.16 6.04 10.35
N GLY A 65 -6.28 7.06 11.18
CA GLY A 65 -5.39 8.21 11.02
C GLY A 65 -5.59 8.81 9.62
N ASP A 66 -4.49 9.03 8.91
CA ASP A 66 -4.55 9.50 7.53
C ASP A 66 -4.71 8.36 6.52
N LEU A 67 -4.72 7.11 6.97
CA LEU A 67 -4.80 5.98 6.05
C LEU A 67 -6.23 5.81 5.56
N ARG A 68 -6.40 5.70 4.24
CA ARG A 68 -7.70 5.53 3.61
C ARG A 68 -7.67 4.30 2.72
N PHE A 69 -8.45 3.28 3.08
CA PHE A 69 -8.63 2.05 2.29
C PHE A 69 -10.02 2.07 1.67
N LEU A 70 -10.08 1.97 0.33
CA LEU A 70 -11.31 1.95 -0.45
C LEU A 70 -11.53 0.55 -1.05
N PHE A 71 -12.72 0.00 -0.86
CA PHE A 71 -13.07 -1.34 -1.34
C PHE A 71 -14.25 -1.20 -2.28
N THR A 72 -14.08 -1.63 -3.53
CA THR A 72 -15.08 -1.43 -4.55
C THR A 72 -15.30 -2.74 -5.29
N ALA A 73 -16.57 -3.00 -5.63
CA ALA A 73 -16.97 -4.14 -6.42
C ALA A 73 -18.10 -3.73 -7.35
N PRO A 74 -18.26 -4.41 -8.49
CA PRO A 74 -19.33 -4.02 -9.41
C PRO A 74 -20.68 -4.64 -9.04
N TYR A 75 -21.75 -3.88 -9.23
CA TYR A 75 -23.11 -4.43 -9.28
C TYR A 75 -23.36 -5.08 -10.64
N SER A 76 -24.55 -5.67 -10.79
CA SER A 76 -24.93 -6.18 -12.10
C SER A 76 -25.00 -5.04 -13.10
N PRO A 77 -24.38 -5.17 -14.28
CA PRO A 77 -24.50 -4.10 -15.28
C PRO A 77 -25.93 -3.73 -15.59
N SER A 78 -26.86 -4.68 -15.47
CA SER A 78 -28.26 -4.43 -15.74
C SER A 78 -28.82 -3.29 -14.91
N LEU A 79 -28.27 -3.04 -13.73
CA LEU A 79 -28.82 -1.96 -12.91
C LEU A 79 -28.63 -0.59 -13.56
N SER A 80 -27.62 -0.45 -14.42
CA SER A 80 -27.25 0.84 -15.00
C SER A 80 -27.21 0.80 -16.52
N ALA A 81 -27.96 -0.12 -17.13
CA ALA A 81 -27.88 -0.29 -18.58
C ALA A 81 -28.42 0.89 -19.36
N GLY A 82 -29.32 1.68 -18.76
CA GLY A 82 -29.85 2.85 -19.44
C GLY A 82 -28.93 4.05 -19.39
N GLU A 83 -27.91 4.02 -18.54
CA GLU A 83 -27.04 5.17 -18.34
C GLU A 83 -25.96 5.24 -19.41
N ILE A 84 -25.47 6.46 -19.66
CA ILE A 84 -24.28 6.68 -20.45
C ILE A 84 -23.29 7.43 -19.57
N LYS A 85 -22.04 7.47 -20.01
CA LYS A 85 -21.03 8.15 -19.21
C LYS A 85 -21.48 9.52 -18.73
N PRO A 86 -22.12 10.38 -19.54
CA PRO A 86 -22.60 11.65 -18.99
C PRO A 86 -23.73 11.53 -17.97
N THR A 87 -24.52 10.46 -18.01
CA THR A 87 -25.59 10.27 -17.03
C THR A 87 -25.23 9.27 -15.95
N THR A 88 -23.95 8.91 -15.82
CA THR A 88 -23.59 7.81 -14.94
C THR A 88 -23.96 8.13 -13.49
N THR A 89 -24.25 7.08 -12.72
CA THR A 89 -24.41 7.22 -11.28
C THR A 89 -23.21 6.70 -10.50
N ALA A 90 -22.16 6.27 -11.19
CA ALA A 90 -20.92 5.95 -10.51
C ALA A 90 -20.35 7.22 -9.88
N SER A 91 -19.90 7.10 -8.65
CA SER A 91 -19.17 8.19 -8.02
C SER A 91 -17.71 8.22 -8.44
N ILE A 92 -17.18 7.09 -8.90
CA ILE A 92 -15.83 7.08 -9.45
C ILE A 92 -15.95 6.89 -10.96
N PRO A 93 -15.64 7.92 -11.76
CA PRO A 93 -15.90 7.85 -13.21
C PRO A 93 -14.97 6.89 -13.94
N SER A 94 -13.78 6.64 -13.43
CA SER A 94 -12.89 5.66 -14.05
C SER A 94 -13.42 4.23 -13.96
N PHE A 95 -14.36 3.95 -13.06
CA PHE A 95 -14.82 2.57 -12.88
C PHE A 95 -15.38 2.02 -14.18
N ASP A 96 -15.16 0.73 -14.40
CA ASP A 96 -15.66 0.02 -15.58
C ASP A 96 -15.99 -1.40 -15.17
N HIS A 97 -17.24 -1.84 -15.43
CA HIS A 97 -17.65 -3.20 -15.07
C HIS A 97 -16.66 -4.22 -15.63
N GLY A 98 -16.39 -4.15 -16.94
CA GLY A 98 -15.54 -5.14 -17.56
C GLY A 98 -14.12 -5.12 -17.03
N SER A 99 -13.54 -3.92 -16.85
CA SER A 99 -12.20 -3.81 -16.29
C SER A 99 -12.15 -4.39 -14.87
N CYS A 100 -13.18 -4.14 -14.08
CA CYS A 100 -13.14 -4.61 -12.69
C CYS A 100 -13.33 -6.12 -12.61
N ARG A 101 -14.29 -6.67 -13.36
CA ARG A 101 -14.48 -8.12 -13.36
C ARG A 101 -13.22 -8.81 -13.89
N SER A 102 -12.69 -8.31 -15.02
CA SER A 102 -11.48 -8.91 -15.58
C SER A 102 -10.33 -8.81 -14.60
N PHE A 103 -10.24 -7.69 -13.86
CA PHE A 103 -9.17 -7.54 -12.86
C PHE A 103 -9.28 -8.58 -11.76
N PHE A 104 -10.47 -8.72 -11.13
CA PHE A 104 -10.61 -9.64 -10.00
C PHE A 104 -10.45 -11.09 -10.46
N SER A 105 -10.92 -11.41 -11.65
CA SER A 105 -10.84 -12.81 -12.07
C SER A 105 -9.43 -13.18 -12.54
N SER A 106 -8.67 -12.19 -13.01
CA SER A 106 -7.29 -12.46 -13.40
C SER A 106 -6.34 -12.50 -12.21
N HIS A 107 -6.52 -11.58 -11.24
CA HIS A 107 -5.58 -11.42 -10.15
C HIS A 107 -6.09 -11.90 -8.80
N GLY A 108 -7.39 -12.09 -8.64
CA GLY A 108 -7.89 -12.23 -7.29
C GLY A 108 -7.86 -10.87 -6.60
N LEU A 109 -8.04 -10.89 -5.29
CA LEU A 109 -8.14 -9.65 -4.53
C LEU A 109 -6.82 -8.90 -4.61
N GLY A 110 -6.90 -7.59 -4.85
CA GLY A 110 -5.68 -6.80 -4.90
C GLY A 110 -5.97 -5.33 -5.14
N VAL A 111 -4.88 -4.56 -5.12
CA VAL A 111 -4.97 -3.11 -5.26
C VAL A 111 -5.10 -2.75 -6.73
N ARG A 112 -6.15 -2.00 -7.07
CA ARG A 112 -6.26 -1.38 -8.39
C ARG A 112 -5.60 -0.01 -8.46
N ALA A 113 -5.68 0.81 -7.41
CA ALA A 113 -5.19 2.18 -7.55
C ALA A 113 -4.34 2.56 -6.35
N VAL A 114 -3.19 3.17 -6.63
CA VAL A 114 -2.42 3.88 -5.61
C VAL A 114 -2.66 5.35 -5.90
N ALA A 115 -3.37 6.03 -5.00
CA ALA A 115 -3.84 7.39 -5.25
C ALA A 115 -2.98 8.36 -4.44
N ILE A 116 -2.37 9.31 -5.14
CA ILE A 116 -1.65 10.39 -4.49
C ILE A 116 -2.40 11.69 -4.75
N GLU A 117 -2.43 12.55 -3.75
CA GLU A 117 -3.00 13.86 -3.91
C GLU A 117 -1.96 14.77 -4.54
N VAL A 118 -2.41 15.63 -5.46
CA VAL A 118 -1.53 16.58 -6.15
C VAL A 118 -2.16 17.96 -6.10
N GLU A 119 -1.39 18.96 -6.54
CA GLU A 119 -1.92 20.32 -6.62
C GLU A 119 -3.00 20.41 -7.69
N ASP A 120 -2.79 19.76 -8.82
CA ASP A 120 -3.61 19.98 -10.01
C ASP A 120 -3.59 18.67 -10.81
N ALA A 121 -4.68 17.89 -10.68
CA ALA A 121 -4.72 16.57 -11.30
C ALA A 121 -4.75 16.65 -12.82
N GLU A 122 -5.29 17.74 -13.38
CA GLU A 122 -5.26 17.87 -14.84
C GLU A 122 -3.83 18.10 -15.33
N SER A 123 -3.12 19.03 -14.70
CA SER A 123 -1.71 19.22 -15.05
C SER A 123 -0.93 17.93 -14.83
N ALA A 124 -1.13 17.29 -13.67
CA ALA A 124 -0.41 16.07 -13.36
C ALA A 124 -0.61 15.02 -14.46
N PHE A 125 -1.85 14.82 -14.91
CA PHE A 125 -2.14 13.88 -15.99
C PHE A 125 -1.50 14.33 -17.31
N SER A 126 -1.62 15.61 -17.64
CA SER A 126 -1.08 16.12 -18.90
C SER A 126 0.43 15.98 -18.93
N ILE A 127 1.12 16.55 -17.95
CA ILE A 127 2.57 16.43 -17.88
C ILE A 127 2.97 14.96 -17.90
N SER A 128 2.23 14.10 -17.18
CA SER A 128 2.59 12.69 -17.11
C SER A 128 2.57 12.04 -18.49
N VAL A 129 1.43 12.10 -19.18
CA VAL A 129 1.36 11.47 -20.50
C VAL A 129 2.32 12.15 -21.47
N ALA A 130 2.48 13.46 -21.38
CA ALA A 130 3.49 14.11 -22.21
C ALA A 130 4.88 13.57 -21.93
N ASN A 131 5.07 12.81 -20.85
CA ASN A 131 6.37 12.29 -20.48
C ASN A 131 6.38 10.77 -20.43
N GLY A 132 5.50 10.16 -21.21
CA GLY A 132 5.55 8.73 -21.41
C GLY A 132 4.52 7.92 -20.66
N ALA A 133 3.72 8.52 -19.79
CA ALA A 133 2.72 7.75 -19.07
C ALA A 133 1.65 7.26 -20.03
N ILE A 134 1.15 6.04 -19.81
CA ILE A 134 0.06 5.47 -20.60
C ILE A 134 -1.23 5.93 -19.95
N PRO A 135 -2.05 6.74 -20.62
CA PRO A 135 -3.29 7.21 -20.01
C PRO A 135 -4.18 6.04 -19.64
N SER A 136 -4.83 6.15 -18.48
CA SER A 136 -5.83 5.17 -18.08
C SER A 136 -7.22 5.79 -18.00
N SER A 137 -7.35 6.95 -17.35
CA SER A 137 -8.64 7.62 -17.33
C SER A 137 -8.35 9.12 -17.37
N PRO A 138 -8.92 9.84 -18.33
CA PRO A 138 -8.59 11.26 -18.47
C PRO A 138 -9.11 12.04 -17.27
N PRO A 139 -8.62 13.26 -17.05
CA PRO A 139 -9.09 14.03 -15.88
C PRO A 139 -10.56 14.36 -16.02
N ILE A 140 -11.30 14.17 -14.94
CA ILE A 140 -12.69 14.59 -14.86
C ILE A 140 -12.86 15.34 -13.55
N VAL A 141 -13.58 16.46 -13.63
CA VAL A 141 -13.78 17.33 -12.48
C VAL A 141 -15.11 16.93 -11.86
N LEU A 142 -15.05 16.47 -10.61
CA LEU A 142 -16.23 16.01 -9.89
C LEU A 142 -16.83 17.18 -9.12
N ASN A 143 -18.08 17.51 -9.43
CA ASN A 143 -18.86 18.51 -8.70
C ASN A 143 -18.11 19.82 -8.51
N GLU A 144 -17.38 20.25 -9.55
CA GLU A 144 -16.59 21.48 -9.54
C GLU A 144 -15.63 21.56 -8.36
N ALA A 145 -15.37 20.44 -7.69
CA ALA A 145 -14.63 20.46 -6.43
C ALA A 145 -13.36 19.63 -6.46
N VAL A 146 -13.37 18.48 -7.12
CA VAL A 146 -12.29 17.51 -7.06
C VAL A 146 -12.01 17.03 -8.46
N THR A 147 -10.74 16.92 -8.81
CA THR A 147 -10.33 16.41 -10.11
C THR A 147 -9.61 15.09 -9.92
N ILE A 148 -9.95 14.13 -10.78
CA ILE A 148 -9.47 12.76 -10.68
C ILE A 148 -8.97 12.31 -12.05
N ALA A 149 -7.79 11.69 -12.09
CA ALA A 149 -7.17 11.24 -13.32
C ALA A 149 -6.31 10.02 -13.02
N GLU A 150 -6.15 9.14 -14.03
CA GLU A 150 -5.43 7.88 -13.84
C GLU A 150 -4.50 7.57 -15.02
N VAL A 151 -3.29 7.11 -14.69
CA VAL A 151 -2.33 6.61 -15.66
C VAL A 151 -1.81 5.26 -15.19
N LYS A 152 -1.40 4.43 -16.14
CA LYS A 152 -0.93 3.10 -15.80
C LYS A 152 0.38 3.16 -15.00
N LEU A 153 0.49 2.29 -14.00
CA LEU A 153 1.68 2.23 -13.14
C LEU A 153 2.49 0.97 -13.42
N TYR A 154 1.91 -0.22 -13.20
CA TYR A 154 2.49 -1.50 -13.57
C TYR A 154 1.39 -2.54 -13.49
N GLY A 155 1.50 -3.56 -14.34
CA GLY A 155 0.43 -4.53 -14.49
C GLY A 155 -0.89 -3.83 -14.76
N ASP A 156 -1.92 -4.20 -14.02
CA ASP A 156 -3.22 -3.56 -14.09
C ASP A 156 -3.43 -2.55 -12.97
N VAL A 157 -2.34 -2.07 -12.37
CA VAL A 157 -2.40 -1.07 -11.29
C VAL A 157 -2.20 0.30 -11.89
N VAL A 158 -3.00 1.26 -11.46
CA VAL A 158 -2.90 2.62 -11.96
C VAL A 158 -2.45 3.54 -10.82
N LEU A 159 -1.67 4.54 -11.18
CA LEU A 159 -1.38 5.66 -10.28
C LEU A 159 -2.48 6.68 -10.48
N ARG A 160 -3.18 7.01 -9.39
CA ARG A 160 -4.36 7.86 -9.45
C ARG A 160 -4.03 9.21 -8.84
N TYR A 161 -4.18 10.29 -9.64
CA TYR A 161 -4.02 11.65 -9.15
C TYR A 161 -5.36 12.20 -8.69
N VAL A 162 -5.39 12.80 -7.49
CA VAL A 162 -6.57 13.50 -6.99
C VAL A 162 -6.14 14.90 -6.54
N SER A 163 -6.93 15.91 -6.90
CA SER A 163 -6.67 17.29 -6.49
C SER A 163 -7.94 17.96 -6.02
N TYR A 164 -7.80 18.82 -5.00
CA TYR A 164 -8.92 19.55 -4.41
C TYR A 164 -8.71 21.03 -4.61
N LYS A 165 -9.72 21.71 -5.17
CA LYS A 165 -9.66 23.16 -5.24
C LYS A 165 -9.60 23.74 -3.83
N ALA A 166 -10.53 23.32 -2.99
CA ALA A 166 -10.47 23.63 -1.56
C ALA A 166 -9.79 22.50 -0.81
N PHE A 174 -14.45 12.96 1.32
CA PHE A 174 -13.56 12.08 0.57
C PHE A 174 -13.66 12.36 -0.91
N LEU A 175 -14.78 11.97 -1.51
CA LEU A 175 -15.11 12.28 -2.90
C LEU A 175 -16.58 12.68 -2.96
N PRO A 176 -16.93 13.55 -3.91
CA PRO A 176 -18.35 13.86 -4.14
C PRO A 176 -19.16 12.59 -4.36
N GLY A 177 -20.40 12.61 -3.88
CA GLY A 177 -21.29 11.48 -4.05
C GLY A 177 -21.06 10.36 -3.07
N PHE A 178 -20.01 10.43 -2.27
CA PHE A 178 -19.90 9.56 -1.12
C PHE A 178 -20.72 10.17 0.03
N GLU A 179 -21.12 9.31 0.96
CA GLU A 179 -21.85 9.75 2.14
C GLU A 179 -21.04 9.43 3.37
N ARG A 180 -21.05 10.37 4.33
CA ARG A 180 -20.61 10.09 5.69
C ARG A 180 -21.47 8.99 6.29
N VAL A 181 -20.83 8.02 6.94
CA VAL A 181 -21.57 6.90 7.52
C VAL A 181 -22.19 7.31 8.84
N GLU A 182 -23.40 6.79 9.12
CA GLU A 182 -24.11 7.11 10.36
C GLU A 182 -23.40 6.54 11.58
N ASP A 183 -23.21 7.39 12.60
CA ASP A 183 -22.36 7.03 13.76
C ASP A 183 -22.73 5.69 14.37
N ALA A 184 -24.00 5.29 14.33
CA ALA A 184 -24.38 3.99 14.86
C ALA A 184 -23.87 2.84 13.98
N SER A 185 -23.52 3.11 12.73
CA SER A 185 -22.85 2.14 11.88
C SER A 185 -21.34 2.31 11.88
N SER A 186 -20.82 3.41 12.39
CA SER A 186 -19.39 3.65 12.45
C SER A 186 -18.89 3.43 13.88
N PHE A 187 -18.18 2.30 14.10
CA PHE A 187 -17.59 1.97 15.40
C PHE A 187 -16.12 2.39 15.41
N PRO A 188 -15.69 3.18 16.39
CA PRO A 188 -14.38 3.86 16.32
C PRO A 188 -13.21 2.95 16.69
N LEU A 189 -13.01 1.90 15.90
CA LEU A 189 -11.85 1.04 16.05
C LEU A 189 -10.57 1.83 15.77
N ASP A 190 -9.49 1.47 16.46
CA ASP A 190 -8.19 2.08 16.21
C ASP A 190 -7.10 1.25 16.87
N TYR A 191 -6.20 0.64 16.11
CA TYR A 191 -5.10 -0.09 16.73
C TYR A 191 -3.77 0.65 16.63
N GLY A 192 -3.79 1.93 16.28
CA GLY A 192 -2.58 2.74 16.20
C GLY A 192 -2.09 3.06 14.79
N ILE A 193 -2.65 2.45 13.74
CA ILE A 193 -2.16 2.74 12.39
C ILE A 193 -2.57 4.15 11.96
N ARG A 194 -1.65 4.87 11.31
CA ARG A 194 -1.86 6.30 11.05
C ARG A 194 -1.69 6.75 9.61
N ARG A 195 -0.81 6.13 8.82
CA ARG A 195 -0.66 6.57 7.44
C ARG A 195 0.01 5.50 6.59
N LEU A 196 -0.15 5.61 5.27
CA LEU A 196 0.58 4.73 4.34
C LEU A 196 2.02 5.20 4.19
N ASP A 197 2.97 4.30 4.44
CA ASP A 197 4.38 4.67 4.34
C ASP A 197 4.93 4.44 2.94
N HIS A 198 4.80 3.21 2.42
CA HIS A 198 5.19 2.94 1.05
C HIS A 198 4.29 1.87 0.45
N ALA A 199 4.23 1.85 -0.88
CA ALA A 199 3.50 0.86 -1.66
C ALA A 199 4.44 0.25 -2.70
N VAL A 200 4.49 -1.08 -2.76
CA VAL A 200 5.57 -1.79 -3.44
C VAL A 200 4.99 -2.66 -4.55
N GLY A 201 5.59 -2.59 -5.74
CA GLY A 201 5.16 -3.39 -6.87
C GLY A 201 6.18 -4.47 -7.20
N ASN A 202 5.70 -5.61 -7.67
CA ASN A 202 6.55 -6.66 -8.22
C ASN A 202 6.38 -6.65 -9.74
N VAL A 203 7.50 -6.67 -10.47
CA VAL A 203 7.44 -6.73 -11.93
C VAL A 203 8.40 -7.81 -12.42
N PRO A 204 8.25 -8.23 -13.67
CA PRO A 204 9.23 -9.20 -14.22
C PRO A 204 10.58 -8.58 -14.51
N GLU A 205 10.64 -7.29 -14.89
CA GLU A 205 11.91 -6.63 -15.22
C GLU A 205 11.96 -5.26 -14.57
N LEU A 206 12.88 -5.08 -13.63
CA LEU A 206 12.91 -3.84 -12.85
C LEU A 206 13.37 -2.65 -13.68
N GLY A 207 14.34 -2.85 -14.56
CA GLY A 207 14.90 -1.78 -15.36
C GLY A 207 13.90 -0.97 -16.16
N PRO A 208 13.18 -1.63 -17.07
CA PRO A 208 12.11 -0.93 -17.81
C PRO A 208 11.01 -0.36 -16.92
N ALA A 209 10.69 -1.03 -15.82
CA ALA A 209 9.70 -0.50 -14.89
C ALA A 209 10.18 0.78 -14.22
N LEU A 210 11.40 0.77 -13.72
CA LEU A 210 11.98 2.00 -13.17
C LEU A 210 11.95 3.11 -14.21
N THR A 211 12.44 2.81 -15.42
CA THR A 211 12.60 3.86 -16.42
C THR A 211 11.26 4.52 -16.76
N TYR A 212 10.22 3.71 -16.89
CA TYR A 212 8.89 4.23 -17.22
C TYR A 212 8.36 5.16 -16.14
N VAL A 213 8.31 4.70 -14.89
CA VAL A 213 7.69 5.47 -13.83
C VAL A 213 8.52 6.70 -13.48
N ALA A 214 9.83 6.52 -13.30
CA ALA A 214 10.70 7.68 -13.08
C ALA A 214 10.55 8.68 -14.20
N GLY A 215 10.29 8.20 -15.42
CA GLY A 215 10.26 9.07 -16.58
C GLY A 215 9.08 10.02 -16.62
N PHE A 216 7.90 9.58 -16.16
CA PHE A 216 6.72 10.45 -16.26
C PHE A 216 6.41 11.22 -14.98
N THR A 217 6.98 10.84 -13.84
CA THR A 217 6.80 11.58 -12.59
C THR A 217 7.97 12.50 -12.26
N GLY A 218 9.18 12.16 -12.71
CA GLY A 218 10.36 12.83 -12.21
C GLY A 218 10.74 12.40 -10.81
N PHE A 219 10.21 11.27 -10.33
CA PHE A 219 10.63 10.75 -9.03
C PHE A 219 12.07 10.25 -9.11
N HIS A 220 12.82 10.46 -8.04
CA HIS A 220 14.23 10.11 -7.99
C HIS A 220 14.47 8.83 -7.22
N GLN A 221 15.63 8.22 -7.47
CA GLN A 221 16.04 7.01 -6.77
C GLN A 221 16.47 7.33 -5.34
N PHE A 222 15.71 6.80 -4.37
CA PHE A 222 16.02 6.93 -2.95
C PHE A 222 17.18 5.98 -2.62
N ALA A 223 18.26 6.52 -2.04
CA ALA A 223 19.44 5.72 -1.79
C ALA A 223 19.19 4.70 -0.68
N GLU A 224 19.87 3.56 -0.77
CA GLU A 224 19.77 2.47 0.21
C GLU A 224 21.07 2.39 1.02
N PHE A 225 21.08 1.44 1.97
CA PHE A 225 22.19 1.22 2.90
C PHE A 225 22.42 2.41 3.82
N GLU A 234 21.83 -11.92 -1.02
CA GLU A 234 21.51 -12.44 -2.36
C GLU A 234 20.26 -13.33 -2.32
N SER A 235 19.23 -12.88 -1.61
CA SER A 235 18.03 -13.66 -1.40
C SER A 235 16.80 -12.90 -1.90
N GLY A 236 16.05 -13.53 -2.79
CA GLY A 236 14.76 -13.02 -3.21
C GLY A 236 14.78 -12.18 -4.47
N LEU A 237 15.26 -10.95 -4.36
CA LEU A 237 14.92 -9.91 -5.32
C LEU A 237 16.09 -8.98 -5.56
N ASN A 238 15.90 -8.10 -6.55
CA ASN A 238 16.58 -6.83 -6.66
C ASN A 238 15.51 -5.76 -6.62
N SER A 239 15.77 -4.66 -5.92
CA SER A 239 14.74 -3.63 -5.78
C SER A 239 15.36 -2.24 -5.83
N ALA A 240 14.49 -1.26 -6.02
CA ALA A 240 14.87 0.13 -6.11
C ALA A 240 13.66 0.99 -5.80
N VAL A 241 13.88 2.11 -5.12
CA VAL A 241 12.81 2.91 -4.55
C VAL A 241 12.75 4.25 -5.26
N LEU A 242 11.61 4.53 -5.90
CA LEU A 242 11.34 5.87 -6.40
C LEU A 242 10.69 6.72 -5.32
N ALA A 243 11.02 8.01 -5.33
CA ALA A 243 10.57 8.90 -4.27
C ALA A 243 10.29 10.28 -4.84
N SER A 244 9.32 10.96 -4.24
CA SER A 244 9.01 12.33 -4.62
C SER A 244 9.97 13.30 -3.92
N ASN A 245 9.77 14.60 -4.16
CA ASN A 245 10.75 15.62 -3.73
C ASN A 245 11.04 15.56 -2.24
N ASP A 246 10.00 15.55 -1.40
CA ASP A 246 10.18 15.44 0.04
C ASP A 246 10.23 13.98 0.50
N GLU A 247 10.29 13.03 -0.43
CA GLU A 247 10.46 11.61 -0.14
C GLU A 247 9.39 11.09 0.82
N MET A 248 8.18 11.66 0.74
CA MET A 248 7.03 11.15 1.47
C MET A 248 6.22 10.14 0.65
N VAL A 249 6.21 10.27 -0.66
CA VAL A 249 5.61 9.28 -1.55
C VAL A 249 6.73 8.35 -2.00
N LEU A 250 6.70 7.11 -1.53
CA LEU A 250 7.76 6.14 -1.76
C LEU A 250 7.19 4.95 -2.50
N LEU A 251 7.73 4.65 -3.67
CA LEU A 251 7.24 3.56 -4.51
C LEU A 251 8.38 2.59 -4.82
N PRO A 252 8.65 1.64 -3.94
CA PRO A 252 9.62 0.58 -4.27
C PRO A 252 9.08 -0.35 -5.33
N ILE A 253 9.99 -1.01 -6.06
CA ILE A 253 9.62 -1.97 -7.09
C ILE A 253 10.61 -3.13 -7.07
N ASN A 254 10.11 -4.35 -7.15
CA ASN A 254 10.93 -5.56 -7.10
C ASN A 254 10.90 -6.32 -8.41
N GLU A 255 11.97 -7.07 -8.66
CA GLU A 255 12.05 -8.06 -9.71
C GLU A 255 12.68 -9.32 -9.13
N PRO A 256 12.37 -10.48 -9.69
CA PRO A 256 12.93 -11.73 -9.15
C PRO A 256 14.40 -11.89 -9.48
N VAL A 257 15.06 -12.76 -8.71
CA VAL A 257 16.43 -13.18 -8.97
C VAL A 257 16.38 -14.66 -9.32
N HIS A 258 16.38 -14.96 -10.61
CA HIS A 258 16.20 -16.34 -11.06
C HIS A 258 17.49 -17.14 -10.89
N GLY A 259 17.33 -18.47 -10.94
CA GLY A 259 18.48 -19.36 -10.90
C GLY A 259 19.12 -19.56 -9.55
N THR A 260 18.37 -19.35 -8.46
CA THR A 260 18.91 -19.56 -7.12
C THR A 260 18.70 -21.01 -6.71
N LYS A 261 18.35 -21.22 -5.45
CA LYS A 261 17.96 -22.51 -4.88
C LYS A 261 16.64 -22.43 -4.13
N ARG A 262 16.38 -21.32 -3.44
CA ARG A 262 15.04 -21.00 -2.94
C ARG A 262 14.34 -20.14 -3.99
N LYS A 263 13.18 -20.61 -4.46
CA LYS A 263 12.46 -19.87 -5.49
C LYS A 263 12.10 -18.49 -4.99
N SER A 264 12.39 -17.48 -5.80
CA SER A 264 12.08 -16.11 -5.43
C SER A 264 10.59 -15.96 -5.17
N GLN A 265 10.24 -15.35 -4.03
CA GLN A 265 8.84 -15.04 -3.78
C GLN A 265 8.30 -14.03 -4.76
N ILE A 266 9.17 -13.22 -5.37
CA ILE A 266 8.71 -12.34 -6.45
C ILE A 266 8.19 -13.15 -7.62
N GLN A 267 8.95 -14.19 -8.03
CA GLN A 267 8.50 -15.03 -9.13
C GLN A 267 7.25 -15.82 -8.76
N THR A 268 7.16 -16.26 -7.50
CA THR A 268 5.93 -16.88 -7.05
C THR A 268 4.77 -15.91 -7.13
N TYR A 269 4.98 -14.67 -6.67
CA TYR A 269 3.97 -13.63 -6.82
C TYR A 269 3.49 -13.53 -8.27
N LEU A 270 4.43 -13.38 -9.21
CA LEU A 270 4.04 -13.16 -10.59
C LEU A 270 3.31 -14.36 -11.18
N GLU A 271 3.64 -15.57 -10.74
CA GLU A 271 2.93 -16.74 -11.25
C GLU A 271 1.50 -16.80 -10.72
N HIS A 272 1.31 -16.56 -9.42
CA HIS A 272 -0.04 -16.67 -8.86
C HIS A 272 -0.91 -15.44 -9.13
N ASN A 273 -0.30 -14.28 -9.34
CA ASN A 273 -1.01 -13.03 -9.61
C ASN A 273 -1.32 -12.84 -11.09
N GLU A 274 -0.83 -13.72 -11.95
CA GLU A 274 -0.89 -13.53 -13.40
C GLU A 274 -0.24 -12.22 -13.82
N GLY A 275 0.99 -11.99 -13.35
CA GLY A 275 1.79 -10.87 -13.82
C GLY A 275 2.10 -9.85 -12.74
N ALA A 276 2.62 -8.71 -13.19
CA ALA A 276 3.02 -7.64 -12.29
C ALA A 276 1.83 -7.09 -11.53
N GLY A 277 2.12 -6.51 -10.36
CA GLY A 277 1.08 -5.98 -9.51
C GLY A 277 1.64 -5.48 -8.20
N LEU A 278 0.73 -5.05 -7.32
CA LEU A 278 1.15 -4.54 -6.03
C LEU A 278 1.46 -5.71 -5.10
N GLN A 279 2.66 -5.70 -4.51
CA GLN A 279 3.07 -6.75 -3.60
C GLN A 279 2.68 -6.44 -2.15
N HIS A 280 3.13 -5.31 -1.60
CA HIS A 280 2.78 -5.04 -0.23
C HIS A 280 2.55 -3.56 0.00
N LEU A 281 1.68 -3.29 0.98
CA LEU A 281 1.38 -1.98 1.49
C LEU A 281 2.01 -1.89 2.89
N ALA A 282 2.77 -0.83 3.14
CA ALA A 282 3.38 -0.64 4.45
C ALA A 282 2.66 0.49 5.19
N LEU A 283 2.14 0.17 6.37
CA LEU A 283 1.29 1.07 7.13
C LEU A 283 2.04 1.52 8.39
N MET A 284 2.17 2.83 8.57
CA MET A 284 2.89 3.38 9.71
C MET A 284 1.98 3.40 10.94
N SER A 285 2.49 2.87 12.04
CA SER A 285 1.80 2.98 13.32
C SER A 285 2.56 3.91 14.26
N GLU A 286 1.81 4.72 15.02
CA GLU A 286 2.38 5.53 16.09
C GLU A 286 2.84 4.68 17.27
N ASP A 287 2.53 3.39 17.28
CA ASP A 287 2.89 2.53 18.41
C ASP A 287 2.78 1.09 17.95
N ILE A 288 3.84 0.59 17.30
CA ILE A 288 3.77 -0.71 16.66
C ILE A 288 3.55 -1.81 17.69
N PHE A 289 3.90 -1.56 18.95
CA PHE A 289 3.67 -2.58 19.98
C PHE A 289 2.18 -2.76 20.25
N ARG A 290 1.46 -1.65 20.46
CA ARG A 290 0.02 -1.74 20.63
C ARG A 290 -0.65 -2.31 19.38
N THR A 291 -0.24 -1.84 18.19
CA THR A 291 -0.82 -2.34 16.94
C THR A 291 -0.69 -3.85 16.83
N LEU A 292 0.52 -4.39 17.01
CA LEU A 292 0.74 -5.81 16.81
C LEU A 292 0.10 -6.65 17.92
N ARG A 293 -0.02 -6.10 19.12
CA ARG A 293 -0.80 -6.79 20.15
C ARG A 293 -2.27 -6.86 19.75
N GLU A 294 -2.83 -5.73 19.28
CA GLU A 294 -4.23 -5.68 18.92
C GLU A 294 -4.52 -6.55 17.70
N MET A 295 -3.62 -6.54 16.70
CA MET A 295 -3.83 -7.36 15.51
C MET A 295 -3.67 -8.84 15.83
N ARG A 296 -2.68 -9.19 16.65
CA ARG A 296 -2.46 -10.60 16.95
C ARG A 296 -3.60 -11.19 17.76
N LYS A 297 -4.20 -10.37 18.63
CA LYS A 297 -5.39 -10.79 19.36
C LYS A 297 -6.49 -11.31 18.43
N ARG A 298 -6.64 -10.69 17.26
CA ARG A 298 -7.76 -10.98 16.39
C ARG A 298 -7.40 -11.87 15.21
N SER A 299 -6.15 -12.36 15.16
CA SER A 299 -5.68 -13.15 14.03
C SER A 299 -6.63 -14.30 13.68
N SER A 300 -6.93 -15.13 14.66
CA SER A 300 -7.72 -16.33 14.42
C SER A 300 -9.20 -16.11 14.67
N ILE A 301 -9.63 -14.86 14.90
CA ILE A 301 -11.06 -14.55 14.96
C ILE A 301 -11.41 -13.48 13.94
N GLY A 302 -10.95 -13.66 12.70
CA GLY A 302 -11.36 -12.83 11.58
C GLY A 302 -10.31 -11.85 11.10
N GLY A 303 -9.19 -11.68 11.83
CA GLY A 303 -8.17 -10.72 11.44
C GLY A 303 -7.12 -11.26 10.48
N PHE A 304 -5.88 -10.82 10.66
CA PHE A 304 -4.77 -11.16 9.77
C PHE A 304 -3.73 -12.01 10.50
N ASP A 305 -3.20 -13.00 9.79
CA ASP A 305 -2.11 -13.82 10.27
C ASP A 305 -0.78 -13.12 9.99
N PHE A 306 0.20 -13.39 10.84
CA PHE A 306 1.53 -12.84 10.64
C PHE A 306 2.49 -13.94 10.20
N MET A 307 3.52 -13.52 9.46
CA MET A 307 4.57 -14.44 9.05
C MET A 307 5.21 -15.06 10.30
N PRO A 308 5.79 -16.26 10.19
CA PRO A 308 6.37 -16.90 11.37
C PRO A 308 7.49 -16.07 11.97
N SER A 309 7.51 -16.01 13.30
CA SER A 309 8.49 -15.20 14.01
C SER A 309 9.90 -15.70 13.73
N PRO A 310 10.91 -14.84 13.92
CA PRO A 310 12.30 -15.30 13.80
C PRO A 310 12.72 -16.09 15.01
N PRO A 311 13.82 -16.82 14.94
CA PRO A 311 14.31 -17.54 16.13
C PRO A 311 14.71 -16.56 17.22
N PRO A 312 14.72 -16.98 18.48
CA PRO A 312 15.19 -16.08 19.54
C PRO A 312 16.62 -15.61 19.33
N THR A 313 17.42 -16.34 18.54
CA THR A 313 18.78 -15.88 18.21
C THR A 313 18.76 -14.51 17.56
N TYR A 314 17.73 -14.24 16.74
CA TYR A 314 17.51 -12.88 16.25
C TYR A 314 17.49 -11.90 17.40
N TYR A 315 16.57 -12.09 18.34
CA TYR A 315 16.51 -11.21 19.51
C TYR A 315 17.74 -11.36 20.39
N GLN A 316 18.44 -12.50 20.32
CA GLN A 316 19.71 -12.66 21.03
C GLN A 316 20.85 -11.89 20.37
N ASN A 317 20.67 -11.43 19.14
CA ASN A 317 21.67 -10.58 18.48
C ASN A 317 21.25 -9.14 18.34
N LEU A 318 19.98 -8.82 18.60
CA LEU A 318 19.50 -7.46 18.40
C LEU A 318 19.96 -6.50 19.49
N LYS A 319 20.34 -7.02 20.66
CA LYS A 319 20.97 -6.17 21.67
C LYS A 319 22.31 -5.62 21.17
N LYS A 320 23.03 -6.41 20.36
CA LYS A 320 24.33 -6.02 19.84
C LYS A 320 24.24 -5.08 18.63
N ARG A 321 23.04 -4.69 18.23
CA ARG A 321 22.89 -3.84 17.03
C ARG A 321 21.96 -2.66 17.24
N VAL A 322 20.98 -2.73 18.14
CA VAL A 322 20.00 -1.67 18.31
C VAL A 322 19.88 -1.38 19.80
N GLY A 323 20.82 -1.90 20.59
CA GLY A 323 20.78 -1.74 22.03
C GLY A 323 20.89 -0.32 22.52
N ASP A 324 21.31 0.60 21.65
CA ASP A 324 21.35 2.01 21.98
C ASP A 324 20.04 2.73 21.67
N VAL A 325 19.11 2.07 21.01
CA VAL A 325 17.89 2.71 20.51
C VAL A 325 16.67 2.37 21.35
N LEU A 326 16.55 1.12 21.79
CA LEU A 326 15.45 0.73 22.65
C LEU A 326 15.94 -0.26 23.69
N SER A 327 15.37 -0.15 24.89
CA SER A 327 15.86 -0.86 26.05
C SER A 327 15.75 -2.38 25.88
N ASP A 328 16.37 -3.11 26.81
CA ASP A 328 16.23 -4.55 26.82
C ASP A 328 14.82 -4.98 27.17
N ASP A 329 14.08 -4.11 27.88
CA ASP A 329 12.66 -4.38 28.11
C ASP A 329 11.87 -4.32 26.80
N GLN A 330 12.20 -3.35 25.94
CA GLN A 330 11.52 -3.23 24.66
C GLN A 330 11.99 -4.29 23.67
N ILE A 331 13.29 -4.64 23.66
CA ILE A 331 13.74 -5.71 22.78
C ILE A 331 13.05 -7.01 23.14
N LYS A 332 12.84 -7.26 24.44
CA LYS A 332 12.06 -8.43 24.84
C LYS A 332 10.62 -8.30 24.37
N GLU A 333 10.05 -7.09 24.45
CA GLU A 333 8.73 -6.84 23.90
C GLU A 333 8.69 -7.07 22.40
N CYS A 334 9.79 -6.79 21.69
CA CYS A 334 9.86 -7.11 20.26
C CYS A 334 9.89 -8.61 20.04
N GLU A 335 10.43 -9.39 20.98
CA GLU A 335 10.53 -10.83 20.80
C GLU A 335 9.16 -11.51 20.89
N GLU A 336 8.29 -11.02 21.77
CA GLU A 336 6.97 -11.61 21.90
C GLU A 336 6.16 -11.39 20.64
N LEU A 337 6.16 -10.16 20.13
CA LEU A 337 5.36 -9.82 18.96
C LEU A 337 5.99 -10.25 17.65
N GLY A 338 7.24 -10.71 17.66
CA GLY A 338 7.87 -11.17 16.44
C GLY A 338 8.28 -10.05 15.50
N ILE A 339 8.55 -8.87 16.05
CA ILE A 339 8.90 -7.69 15.28
C ILE A 339 10.34 -7.78 14.82
N LEU A 340 10.60 -7.35 13.58
CA LEU A 340 11.95 -7.20 13.05
C LEU A 340 12.44 -5.79 13.35
N VAL A 341 13.77 -5.64 13.41
CA VAL A 341 14.39 -4.31 13.54
C VAL A 341 15.57 -4.24 12.60
N ASP A 342 15.56 -3.24 11.72
CA ASP A 342 16.72 -2.88 10.92
C ASP A 342 17.15 -1.46 11.26
N ARG A 343 18.19 -0.99 10.56
CA ARG A 343 18.80 0.29 10.88
C ARG A 343 19.55 0.81 9.67
N ASP A 344 19.30 2.08 9.32
CA ASP A 344 20.10 2.78 8.33
C ASP A 344 21.21 3.55 9.06
N ASP A 345 21.70 4.65 8.46
CA ASP A 345 22.67 5.52 9.10
C ASP A 345 22.06 6.77 9.71
N GLN A 346 20.77 7.03 9.52
CA GLN A 346 20.09 8.11 10.22
C GLN A 346 18.98 7.64 11.15
N GLY A 347 18.43 6.44 10.94
CA GLY A 347 17.29 5.99 11.71
C GLY A 347 17.23 4.48 11.87
N THR A 348 16.27 4.06 12.69
CA THR A 348 16.03 2.66 13.00
C THR A 348 14.60 2.31 12.59
N LEU A 349 14.42 1.12 12.02
CA LEU A 349 13.14 0.70 11.48
C LEU A 349 12.64 -0.53 12.21
N LEU A 350 11.41 -0.46 12.72
CA LEU A 350 10.70 -1.62 13.24
C LEU A 350 9.65 -2.06 12.21
N GLN A 351 9.54 -3.37 11.99
CA GLN A 351 8.68 -3.87 10.92
C GLN A 351 8.29 -5.32 11.19
N ILE A 352 7.14 -5.71 10.62
CA ILE A 352 6.69 -7.10 10.61
C ILE A 352 5.73 -7.26 9.43
N PHE A 353 5.60 -8.50 8.95
CA PHE A 353 4.84 -8.78 7.75
C PHE A 353 3.67 -9.71 8.04
N THR A 354 2.51 -9.41 7.47
CA THR A 354 1.37 -10.32 7.59
C THR A 354 1.49 -11.44 6.56
N LYS A 355 0.73 -12.50 6.80
CA LYS A 355 0.50 -13.49 5.74
C LYS A 355 -0.31 -12.83 4.61
N PRO A 356 -0.42 -13.49 3.45
CA PRO A 356 -1.18 -12.88 2.34
C PRO A 356 -2.61 -12.52 2.75
N LEU A 357 -3.09 -11.38 2.26
CA LEU A 357 -4.40 -10.86 2.67
C LEU A 357 -5.56 -11.72 2.17
N GLY A 358 -5.34 -12.51 1.10
CA GLY A 358 -6.41 -13.30 0.50
C GLY A 358 -5.99 -14.71 0.15
N ASP A 359 -6.73 -15.35 -0.76
CA ASP A 359 -6.46 -16.73 -1.14
C ASP A 359 -5.07 -16.91 -1.72
N ARG A 360 -4.64 -15.99 -2.59
CA ARG A 360 -3.41 -16.25 -3.33
C ARG A 360 -2.19 -15.71 -2.60
N PRO A 361 -1.03 -16.34 -2.79
CA PRO A 361 0.22 -15.82 -2.17
C PRO A 361 0.73 -14.59 -2.89
N THR A 362 -0.06 -13.51 -2.87
CA THR A 362 0.27 -12.30 -3.64
C THR A 362 0.47 -11.11 -2.71
N ILE A 363 -0.58 -10.32 -2.51
CA ILE A 363 -0.47 -9.11 -1.70
C ILE A 363 -0.43 -9.47 -0.22
N PHE A 364 0.40 -8.73 0.54
CA PHE A 364 0.43 -8.78 1.99
C PHE A 364 0.64 -7.36 2.52
N ILE A 365 0.51 -7.19 3.84
CA ILE A 365 0.64 -5.88 4.47
C ILE A 365 1.86 -5.89 5.40
N GLU A 366 2.51 -4.74 5.54
CA GLU A 366 3.63 -4.55 6.44
C GLU A 366 3.26 -3.47 7.45
N ILE A 367 3.50 -3.76 8.72
CA ILE A 367 3.36 -2.77 9.78
C ILE A 367 4.75 -2.25 10.12
N ILE A 368 4.89 -0.92 10.23
CA ILE A 368 6.19 -0.32 10.47
C ILE A 368 6.05 0.83 11.45
N GLN A 369 7.15 1.12 12.15
CA GLN A 369 7.35 2.36 12.86
C GLN A 369 8.80 2.79 12.69
N ARG A 370 9.00 4.10 12.48
CA ARG A 370 10.32 4.67 12.21
C ARG A 370 10.75 5.58 13.36
N VAL A 371 12.01 5.45 13.78
CA VAL A 371 12.55 6.27 14.86
C VAL A 371 13.85 6.91 14.38
N GLY A 372 13.93 8.23 14.51
CA GLY A 372 15.09 9.00 14.08
C GLY A 372 14.72 10.04 13.03
N CYS A 373 15.76 10.61 12.42
CA CYS A 373 15.63 11.58 11.32
C CYS A 373 14.60 12.66 11.64
N MET A 374 14.83 13.32 12.77
CA MET A 374 13.96 14.41 13.20
C MET A 374 14.53 15.75 12.73
N MET A 375 13.65 16.60 12.23
CA MET A 375 14.02 17.95 11.81
C MET A 375 12.99 18.93 12.37
N TYR A 383 9.19 17.20 12.68
CA TYR A 383 8.74 16.21 11.69
C TYR A 383 9.83 15.19 11.39
N GLN A 384 9.42 14.01 10.94
CA GLN A 384 10.33 12.94 10.58
C GLN A 384 10.47 12.88 9.07
N SER A 385 11.70 12.74 8.59
CA SER A 385 11.93 12.70 7.14
C SER A 385 11.59 11.32 6.61
N GLY A 386 11.24 11.27 5.32
CA GLY A 386 10.74 10.05 4.73
C GLY A 386 11.80 8.96 4.64
N GLY A 387 11.34 7.72 4.77
CA GLY A 387 12.23 6.60 4.61
C GLY A 387 13.23 6.41 5.73
N CYS A 388 13.06 7.13 6.85
CA CYS A 388 13.99 7.02 7.97
C CYS A 388 14.18 5.58 8.41
N GLY A 389 15.36 5.03 8.16
CA GLY A 389 15.65 3.64 8.48
C GLY A 389 15.82 2.77 7.26
N GLY A 390 15.34 3.20 6.09
CA GLY A 390 15.33 2.31 4.93
C GLY A 390 14.08 1.45 4.92
N PHE A 391 14.21 0.27 4.33
CA PHE A 391 13.06 -0.62 4.16
C PHE A 391 13.31 -2.03 4.71
N GLY A 392 14.44 -2.24 5.36
CA GLY A 392 14.69 -3.48 6.06
C GLY A 392 15.35 -4.55 5.24
N LYS A 393 16.02 -4.18 4.15
CA LYS A 393 16.70 -5.20 3.35
C LYS A 393 17.73 -5.96 4.16
N GLY A 394 18.39 -5.30 5.11
CA GLY A 394 19.36 -5.99 5.93
C GLY A 394 18.77 -7.16 6.70
N ASN A 395 17.47 -7.09 7.01
CA ASN A 395 16.83 -8.15 7.78
C ASN A 395 16.84 -9.48 7.04
N PHE A 396 17.04 -9.47 5.73
CA PHE A 396 17.22 -10.71 4.98
C PHE A 396 18.47 -11.46 5.46
N SER A 397 19.62 -10.79 5.38
CA SER A 397 20.87 -11.40 5.82
C SER A 397 20.83 -11.75 7.30
N GLU A 398 20.34 -10.80 8.13
CA GLU A 398 20.22 -11.06 9.56
C GLU A 398 19.35 -12.28 9.84
N LEU A 399 18.25 -12.43 9.08
CA LEU A 399 17.35 -13.57 9.31
C LEU A 399 18.06 -14.89 9.03
N PHE A 400 18.69 -15.00 7.86
CA PHE A 400 19.39 -16.24 7.51
C PHE A 400 20.48 -16.56 8.52
N ILE A 401 21.29 -15.55 8.90
CA ILE A 401 22.33 -15.75 9.90
C ILE A 401 21.72 -16.18 11.24
N SER A 402 20.63 -15.55 11.64
CA SER A 402 19.97 -15.92 12.89
C SER A 402 19.39 -17.32 12.83
N ILE A 403 18.95 -17.75 11.65
CA ILE A 403 18.50 -19.13 11.47
C ILE A 403 19.64 -20.09 11.75
N GLU A 404 20.76 -19.93 11.05
CA GLU A 404 21.88 -20.85 11.19
C GLU A 404 22.40 -20.89 12.62
N GLU A 405 22.44 -19.74 13.29
CA GLU A 405 22.88 -19.70 14.69
C GLU A 405 21.98 -20.57 15.56
N TYR A 406 20.67 -20.43 15.42
CA TYR A 406 19.73 -21.22 16.20
C TYR A 406 19.89 -22.71 15.94
N GLU A 407 20.01 -23.09 14.66
CA GLU A 407 20.06 -24.49 14.27
C GLU A 407 21.17 -25.24 15.01
N LYS A 408 22.41 -24.84 14.80
CA LYS A 408 23.55 -25.49 15.45
C LYS A 408 23.47 -25.33 16.97
CO CO B . 8.39 -2.62 2.80
C10 NW9 C . 9.67 -9.87 3.51
C15 NW9 C . 9.22 -12.12 4.19
C17 NW9 C . 13.00 -9.67 5.96
C20 NW9 C . 11.28 -2.50 -0.64
C21 NW9 C . 12.46 -3.23 -1.30
C22 NW9 C . 12.94 -4.44 -0.52
C26 NW9 C . 9.70 -13.30 3.35
C28 NW9 C . 10.42 -14.45 1.67
C1 NW9 C . 10.98 -6.31 2.89
C2 NW9 C . 12.05 -6.34 3.77
C3 NW9 C . 12.34 -7.48 4.49
C4 NW9 C . 11.51 -8.63 4.37
C5 NW9 C . 10.43 -8.63 3.52
C6 NW9 C . 10.13 -7.43 2.77
C8 NW9 C . 11.11 -10.85 5.06
C11 NW9 C . 8.92 -7.36 1.82
C12 NW9 C . 10.81 -4.92 2.24
C18 NW9 C . 10.72 -4.64 0.73
C19 NW9 C . 10.87 -3.11 0.71
C23 NW9 C . 11.76 -5.35 -0.17
C29 NW9 C . 10.27 -15.39 2.70
C30 NW9 C . 9.79 -14.62 3.82
N7 NW9 C . 11.83 -9.74 5.10
N9 NW9 C . 10.05 -10.92 4.25
O13 NW9 C . 8.54 -10.05 2.71
O14 NW9 C . 9.65 -4.38 2.81
O16 NW9 C . 11.43 -11.79 5.72
O24 NW9 C . 9.67 -2.52 1.13
O25 NW9 C . 12.21 -6.57 0.40
O27 NW9 C . 10.07 -13.27 2.10
#